data_4O3X
#
_entry.id   4O3X
#
_cell.length_a   41.380
_cell.length_b   41.380
_cell.length_c   234.000
_cell.angle_alpha   90.000
_cell.angle_beta   90.000
_cell.angle_gamma   120.000
#
_symmetry.space_group_name_H-M   'P 61'
#
loop_
_entity.id
_entity.type
_entity.pdbx_description
1 polymer 'Transferrin binding protein B'
2 water water
#
_entity_poly.entity_id   1
_entity_poly.type   'polypeptide(L)'
_entity_poly.pdbx_seq_one_letter_code
;GSEQLGELMEPALGYVVKVPVSSFENKKVDISDIEVITNGNLDDVPYKANSSKYNYPDIKTKDSSLQYVRSGYVIDGEHS
GSNEKGYVYYKGNSPAKELPVNQLLTYTGSWDFTSNANLNNEEGRPNYLNDDYYTKAIGKRVGLVSGDAKPAKHKYTSQF
EVDFATKKMTGKLSDKEKTIYTVNADIRGNRFTGAATASDKNKGKGESYNFFSADSQSLEGGFYGPKAEEMAGKFVANDK
SLFAVFSAKHNGSNV
;
_entity_poly.pdbx_strand_id   B
#
# COMPACT_ATOMS: atom_id res chain seq x y z
N PRO A 11 13.86 -15.03 -6.93
CA PRO A 11 13.45 -13.80 -6.26
C PRO A 11 12.00 -13.42 -6.53
N ALA A 12 11.28 -13.06 -5.47
CA ALA A 12 9.86 -12.74 -5.54
C ALA A 12 9.60 -11.48 -6.38
N LEU A 13 8.73 -11.62 -7.38
CA LEU A 13 8.42 -10.52 -8.28
C LEU A 13 7.46 -9.51 -7.64
N GLY A 14 6.77 -9.95 -6.58
CA GLY A 14 5.85 -9.07 -5.88
C GLY A 14 5.14 -9.77 -4.74
N TYR A 15 4.23 -9.03 -4.09
CA TYR A 15 3.50 -9.58 -2.96
C TYR A 15 2.05 -9.12 -3.01
N VAL A 16 1.16 -9.95 -2.46
CA VAL A 16 -0.27 -9.66 -2.49
C VAL A 16 -0.90 -10.07 -1.16
N VAL A 17 -1.71 -9.18 -0.61
CA VAL A 17 -2.36 -9.45 0.66
C VAL A 17 -3.87 -9.30 0.56
N LYS A 18 -4.59 -10.19 1.24
CA LYS A 18 -6.04 -10.12 1.31
C LYS A 18 -6.47 -9.14 2.42
N VAL A 19 -7.47 -8.32 2.12
CA VAL A 19 -8.03 -7.44 3.14
C VAL A 19 -8.64 -8.27 4.27
N PRO A 20 -8.18 -8.02 5.51
CA PRO A 20 -8.68 -8.69 6.71
C PRO A 20 -10.18 -8.53 6.92
N VAL A 21 -10.83 -9.58 7.40
CA VAL A 21 -12.26 -9.55 7.70
C VAL A 21 -12.49 -10.02 9.14
N SER A 22 -13.18 -9.21 9.93
CA SER A 22 -13.42 -9.55 11.32
C SER A 22 -14.80 -10.18 11.54
N SER A 23 -15.03 -10.70 12.75
CA SER A 23 -16.32 -11.28 13.12
C SER A 23 -16.68 -10.88 14.54
N PHE A 24 -17.79 -11.37 15.06
CA PHE A 24 -18.25 -10.93 16.37
C PHE A 24 -17.40 -11.46 17.53
N GLU A 25 -16.93 -12.70 17.44
CA GLU A 25 -16.07 -13.19 18.51
C GLU A 25 -14.62 -13.24 18.05
N ASN A 26 -14.37 -12.69 16.88
CA ASN A 26 -13.02 -12.33 16.44
C ASN A 26 -13.04 -10.92 15.89
N LYS A 27 -13.19 -9.95 16.77
CA LYS A 27 -13.44 -8.57 16.37
C LYS A 27 -12.19 -7.87 15.83
N LYS A 28 -11.03 -8.47 16.09
CA LYS A 28 -9.78 -7.90 15.62
C LYS A 28 -9.00 -8.91 14.78
N VAL A 29 -8.96 -8.67 13.47
CA VAL A 29 -8.20 -9.52 12.56
C VAL A 29 -7.13 -8.69 11.86
N ASP A 30 -5.88 -9.05 12.09
CA ASP A 30 -4.75 -8.29 11.56
C ASP A 30 -4.29 -8.77 10.19
N ILE A 31 -3.36 -8.01 9.61
CA ILE A 31 -2.72 -8.39 8.36
C ILE A 31 -2.07 -9.78 8.50
N SER A 32 -2.29 -10.64 7.52
CA SER A 32 -1.67 -11.97 7.52
C SER A 32 -1.57 -12.51 6.10
N ASP A 33 -0.81 -13.60 5.96
CA ASP A 33 -0.66 -14.30 4.68
C ASP A 33 -0.22 -13.38 3.55
N ILE A 34 0.99 -12.83 3.66
CA ILE A 34 1.56 -12.05 2.57
C ILE A 34 2.11 -13.01 1.52
N GLU A 35 1.36 -13.17 0.42
CA GLU A 35 1.72 -14.14 -0.60
C GLU A 35 2.71 -13.58 -1.60
N VAL A 36 3.55 -14.47 -2.12
CA VAL A 36 4.51 -14.13 -3.17
C VAL A 36 3.81 -14.20 -4.52
N ILE A 37 4.09 -13.23 -5.38
CA ILE A 37 3.59 -13.24 -6.74
C ILE A 37 4.69 -13.71 -7.69
N THR A 38 4.44 -14.81 -8.40
CA THR A 38 5.42 -15.34 -9.33
C THR A 38 5.18 -14.82 -10.74
N ASN A 39 3.97 -14.33 -10.98
CA ASN A 39 3.60 -13.77 -12.28
C ASN A 39 4.00 -12.30 -12.39
N GLY A 40 4.99 -12.02 -13.22
CA GLY A 40 5.48 -10.66 -13.37
C GLY A 40 4.85 -9.86 -14.50
N ASN A 41 3.78 -10.40 -15.09
CA ASN A 41 3.05 -9.67 -16.13
C ASN A 41 2.19 -8.57 -15.54
N LEU A 42 2.45 -7.32 -15.95
CA LEU A 42 1.78 -6.16 -15.36
C LEU A 42 0.29 -6.08 -15.67
N ASP A 43 -0.19 -6.88 -16.61
CA ASP A 43 -1.60 -6.87 -16.96
C ASP A 43 -2.35 -7.95 -16.20
N ASP A 44 -1.62 -8.95 -15.72
CA ASP A 44 -2.19 -9.98 -14.86
C ASP A 44 -2.36 -9.42 -13.46
N VAL A 45 -3.58 -9.04 -13.13
CA VAL A 45 -3.88 -8.54 -11.80
C VAL A 45 -4.22 -9.69 -10.87
N PRO A 46 -3.51 -9.77 -9.74
CA PRO A 46 -3.69 -10.81 -8.73
C PRO A 46 -5.14 -10.97 -8.27
N TYR A 47 -5.70 -12.14 -8.53
CA TYR A 47 -7.07 -12.50 -8.13
C TYR A 47 -8.14 -11.75 -8.91
N LYS A 48 -7.79 -11.21 -10.07
CA LYS A 48 -8.77 -10.54 -10.92
C LYS A 48 -9.86 -11.52 -11.35
N ALA A 49 -9.49 -12.76 -11.60
CA ALA A 49 -10.43 -13.78 -12.06
C ALA A 49 -11.44 -14.15 -10.98
N ASN A 50 -11.19 -13.72 -9.74
CA ASN A 50 -12.10 -13.99 -8.64
C ASN A 50 -13.02 -12.81 -8.33
N SER A 51 -12.81 -11.69 -9.02
CA SER A 51 -13.45 -10.42 -8.66
C SER A 51 -14.90 -10.27 -9.14
N SER A 52 -15.37 -11.20 -9.97
CA SER A 52 -16.70 -11.10 -10.56
C SER A 52 -17.80 -11.18 -9.50
N LYS A 53 -17.49 -11.82 -8.38
CA LYS A 53 -18.47 -11.95 -7.31
C LYS A 53 -18.62 -10.67 -6.49
N TYR A 54 -17.79 -9.66 -6.79
CA TYR A 54 -17.90 -8.36 -6.13
C TYR A 54 -19.07 -7.57 -6.73
N ASN A 55 -19.74 -6.79 -5.88
CA ASN A 55 -20.83 -5.92 -6.33
C ASN A 55 -20.32 -4.89 -7.34
N TYR A 56 -19.15 -4.33 -7.05
CA TYR A 56 -18.46 -3.46 -7.99
C TYR A 56 -16.99 -3.80 -8.04
N PRO A 57 -16.62 -4.75 -8.91
CA PRO A 57 -15.22 -5.17 -9.13
C PRO A 57 -14.32 -3.98 -9.42
N ASP A 58 -13.69 -3.45 -8.39
CA ASP A 58 -12.89 -2.24 -8.52
C ASP A 58 -11.41 -2.56 -8.54
N ILE A 59 -10.82 -2.46 -9.71
CA ILE A 59 -9.40 -2.74 -9.90
C ILE A 59 -8.70 -1.43 -10.25
N LYS A 60 -7.71 -1.05 -9.45
CA LYS A 60 -7.06 0.25 -9.62
C LYS A 60 -6.50 0.40 -11.02
N THR A 61 -6.70 1.58 -11.60
CA THR A 61 -6.22 1.91 -12.93
C THR A 61 -4.73 1.63 -13.08
N LYS A 62 -4.34 1.13 -14.25
CA LYS A 62 -2.94 0.89 -14.55
C LYS A 62 -2.27 2.15 -15.07
N ASP A 63 -1.17 2.54 -14.43
CA ASP A 63 -0.39 3.69 -14.87
C ASP A 63 0.50 3.28 -16.05
N SER A 64 0.12 3.72 -17.25
CA SER A 64 0.79 3.30 -18.47
C SER A 64 2.19 3.88 -18.63
N SER A 65 2.49 4.93 -17.87
CA SER A 65 3.83 5.51 -17.90
C SER A 65 4.82 4.61 -17.17
N LEU A 66 4.29 3.72 -16.34
CA LEU A 66 5.11 2.73 -15.64
C LEU A 66 5.33 1.51 -16.53
N GLN A 67 6.59 1.24 -16.85
CA GLN A 67 6.93 0.16 -17.76
C GLN A 67 7.20 -1.16 -17.05
N TYR A 68 7.66 -1.10 -15.81
CA TYR A 68 8.24 -2.28 -15.16
C TYR A 68 7.54 -2.69 -13.87
N VAL A 69 6.95 -1.74 -13.16
CA VAL A 69 6.27 -2.07 -11.91
C VAL A 69 4.79 -1.69 -11.96
N ARG A 70 4.03 -2.27 -11.04
CA ARG A 70 2.64 -1.88 -10.86
C ARG A 70 2.21 -2.21 -9.44
N SER A 71 1.54 -1.25 -8.81
CA SER A 71 0.94 -1.48 -7.51
C SER A 71 -0.51 -1.04 -7.57
N GLY A 72 -1.34 -1.63 -6.72
CA GLY A 72 -2.74 -1.24 -6.67
C GLY A 72 -3.56 -2.19 -5.82
N TYR A 73 -4.78 -2.47 -6.28
CA TYR A 73 -5.70 -3.26 -5.49
C TYR A 73 -6.78 -3.89 -6.36
N VAL A 74 -7.44 -4.89 -5.80
CA VAL A 74 -8.58 -5.55 -6.42
C VAL A 74 -9.64 -5.66 -5.36
N ILE A 75 -10.58 -4.72 -5.36
CA ILE A 75 -11.53 -4.66 -4.27
C ILE A 75 -12.98 -4.63 -4.73
N ASP A 76 -13.87 -5.02 -3.83
CA ASP A 76 -15.29 -4.77 -4.02
C ASP A 76 -15.52 -3.32 -3.68
N GLY A 77 -15.77 -2.51 -4.72
CA GLY A 77 -15.94 -1.08 -4.57
C GLY A 77 -17.30 -0.72 -4.02
N GLU A 78 -18.20 -1.70 -3.99
CA GLU A 78 -19.49 -1.53 -3.35
C GLU A 78 -19.69 -2.64 -2.34
N HIS A 79 -18.75 -2.75 -1.40
CA HIS A 79 -18.73 -3.84 -0.43
C HIS A 79 -19.93 -3.84 0.52
N SER A 80 -20.33 -5.05 0.91
CA SER A 80 -21.48 -5.24 1.80
C SER A 80 -21.16 -6.24 2.90
N GLY A 81 -21.53 -5.90 4.13
CA GLY A 81 -21.45 -6.81 5.25
C GLY A 81 -20.08 -7.42 5.52
N SER A 82 -20.03 -8.75 5.50
CA SER A 82 -18.80 -9.48 5.81
C SER A 82 -18.26 -10.23 4.59
N ASN A 83 -18.55 -9.72 3.40
CA ASN A 83 -18.08 -10.34 2.18
C ASN A 83 -16.63 -10.01 1.91
N GLU A 84 -16.03 -10.71 0.97
CA GLU A 84 -14.67 -10.44 0.55
C GLU A 84 -14.51 -8.99 0.12
N LYS A 85 -13.54 -8.31 0.69
CA LYS A 85 -13.23 -6.96 0.25
C LYS A 85 -12.30 -7.01 -0.94
N GLY A 86 -11.23 -7.80 -0.83
CA GLY A 86 -10.29 -7.94 -1.91
C GLY A 86 -8.82 -7.98 -1.53
N TYR A 87 -7.99 -7.46 -2.44
CA TYR A 87 -6.54 -7.64 -2.31
C TYR A 87 -5.75 -6.38 -2.61
N VAL A 88 -4.62 -6.24 -1.93
CA VAL A 88 -3.65 -5.17 -2.20
C VAL A 88 -2.33 -5.82 -2.61
N TYR A 89 -1.64 -5.22 -3.57
CA TYR A 89 -0.47 -5.87 -4.12
C TYR A 89 0.52 -4.88 -4.75
N TYR A 90 1.71 -5.39 -5.07
CA TYR A 90 2.62 -4.71 -5.96
C TYR A 90 3.41 -5.79 -6.69
N LYS A 91 3.89 -5.47 -7.88
CA LYS A 91 4.75 -6.38 -8.61
C LYS A 91 5.66 -5.59 -9.52
N GLY A 92 6.79 -6.18 -9.87
CA GLY A 92 7.73 -5.55 -10.76
C GLY A 92 8.54 -6.60 -11.50
N ASN A 93 8.84 -6.34 -12.76
CA ASN A 93 9.69 -7.24 -13.53
C ASN A 93 10.98 -6.54 -13.93
N SER A 94 11.94 -7.33 -14.43
CA SER A 94 13.23 -6.83 -14.87
C SER A 94 13.94 -6.02 -13.78
N PRO A 95 14.53 -6.73 -12.79
CA PRO A 95 15.30 -6.05 -11.74
C PRO A 95 16.51 -5.34 -12.32
N ALA A 96 16.79 -4.14 -11.83
CA ALA A 96 17.85 -3.30 -12.39
C ALA A 96 19.21 -3.98 -12.37
N LYS A 97 19.93 -3.91 -13.49
CA LYS A 97 21.28 -4.46 -13.58
C LYS A 97 22.33 -3.35 -13.71
N GLU A 98 21.89 -2.15 -14.11
CA GLU A 98 22.75 -0.98 -14.09
C GLU A 98 22.12 0.13 -13.26
N LEU A 99 22.84 0.63 -12.26
CA LEU A 99 22.30 1.64 -11.37
C LEU A 99 23.10 2.94 -11.44
N PRO A 100 22.42 4.05 -11.79
CA PRO A 100 23.08 5.35 -11.97
C PRO A 100 23.72 5.87 -10.69
N VAL A 101 25.05 5.85 -10.66
CA VAL A 101 25.79 6.30 -9.48
C VAL A 101 26.10 7.80 -9.59
N ASN A 102 26.03 8.48 -8.45
CA ASN A 102 26.19 9.93 -8.34
C ASN A 102 25.06 10.68 -9.04
N GLN A 103 24.04 9.93 -9.46
CA GLN A 103 22.79 10.52 -9.91
C GLN A 103 21.86 10.65 -8.71
N LEU A 104 21.38 11.85 -8.45
CA LEU A 104 20.44 12.06 -7.36
C LEU A 104 19.02 12.00 -7.89
N LEU A 105 18.47 10.79 -7.93
CA LEU A 105 17.17 10.56 -8.55
C LEU A 105 16.01 10.78 -7.57
N THR A 106 14.94 11.35 -8.08
CA THR A 106 13.71 11.53 -7.33
C THR A 106 12.60 10.74 -7.99
N TYR A 107 12.02 9.80 -7.24
CA TYR A 107 10.95 8.94 -7.75
C TYR A 107 9.58 9.45 -7.27
N THR A 108 8.65 9.59 -8.21
CA THR A 108 7.29 10.01 -7.87
C THR A 108 6.26 8.99 -8.32
N GLY A 109 5.35 8.65 -7.42
CA GLY A 109 4.30 7.69 -7.73
C GLY A 109 3.17 7.72 -6.71
N SER A 110 2.62 6.55 -6.45
CA SER A 110 1.52 6.43 -5.51
C SER A 110 1.84 5.42 -4.43
N TRP A 111 0.92 5.27 -3.48
CA TRP A 111 0.97 4.16 -2.56
C TRP A 111 -0.46 3.73 -2.25
N ASP A 112 -0.62 2.44 -1.94
CA ASP A 112 -1.91 1.90 -1.60
C ASP A 112 -1.79 1.09 -0.32
N PHE A 113 -2.91 0.77 0.29
CA PHE A 113 -2.86 0.11 1.59
C PHE A 113 -4.15 -0.64 1.92
N THR A 114 -4.04 -1.57 2.86
CA THR A 114 -5.20 -2.08 3.54
C THR A 114 -4.91 -2.11 5.04
N SER A 115 -5.88 -1.70 5.85
CA SER A 115 -5.73 -1.75 7.30
C SER A 115 -6.15 -3.13 7.79
N ASN A 116 -6.00 -3.35 9.09
CA ASN A 116 -6.62 -4.52 9.71
C ASN A 116 -8.11 -4.26 9.87
N ALA A 117 -8.82 -5.26 10.39
CA ALA A 117 -10.22 -5.11 10.73
C ALA A 117 -10.37 -5.08 12.25
N ASN A 118 -11.16 -4.15 12.77
CA ASN A 118 -11.37 -4.06 14.22
C ASN A 118 -12.78 -3.60 14.59
N LEU A 119 -13.61 -4.55 15.00
CA LEU A 119 -15.01 -4.29 15.31
C LEU A 119 -15.22 -3.85 16.75
N ASN A 120 -14.20 -4.00 17.58
CA ASN A 120 -14.28 -3.59 18.98
C ASN A 120 -14.69 -2.13 19.10
N ASN A 121 -15.78 -1.88 19.81
CA ASN A 121 -16.33 -0.54 19.91
C ASN A 121 -15.39 0.43 20.60
N GLU A 122 -14.58 -0.09 21.52
CA GLU A 122 -13.61 0.71 22.26
C GLU A 122 -12.47 1.22 21.36
N GLU A 123 -12.23 0.53 20.25
CA GLU A 123 -11.20 0.96 19.31
C GLU A 123 -11.57 2.30 18.70
N GLY A 124 -12.86 2.59 18.68
CA GLY A 124 -13.33 3.91 18.30
C GLY A 124 -13.17 4.25 16.84
N ARG A 125 -13.29 3.25 15.98
CA ARG A 125 -13.29 3.48 14.54
C ARG A 125 -14.67 3.99 14.13
N PRO A 126 -14.70 4.95 13.20
CA PRO A 126 -15.93 5.68 12.84
C PRO A 126 -16.96 4.83 12.10
N ASN A 127 -18.23 5.09 12.35
CA ASN A 127 -19.31 4.41 11.64
C ASN A 127 -19.60 5.11 10.32
N TYR A 128 -19.37 6.41 10.26
CA TYR A 128 -19.75 7.19 9.10
C TYR A 128 -18.73 8.28 8.75
N LEU A 129 -18.24 8.23 7.51
CA LEU A 129 -17.40 9.26 6.94
C LEU A 129 -17.67 9.35 5.44
N ASN A 130 -18.90 9.67 5.08
CA ASN A 130 -19.33 9.70 3.68
C ASN A 130 -18.58 10.72 2.84
N ASP A 131 -18.07 11.77 3.47
CA ASP A 131 -17.25 12.76 2.77
C ASP A 131 -15.98 12.12 2.23
N ASP A 132 -15.44 11.17 2.98
CA ASP A 132 -14.11 10.64 2.70
C ASP A 132 -14.11 9.35 1.90
N TYR A 133 -15.06 8.45 2.18
CA TYR A 133 -14.98 7.10 1.62
C TYR A 133 -16.28 6.62 0.99
N TYR A 134 -16.16 5.61 0.14
CA TYR A 134 -17.31 4.99 -0.51
C TYR A 134 -17.92 3.89 0.35
N THR A 135 -17.35 3.67 1.52
CA THR A 135 -17.79 2.59 2.39
C THR A 135 -18.24 3.12 3.75
N LYS A 136 -19.07 2.34 4.45
CA LYS A 136 -19.53 2.69 5.78
C LYS A 136 -18.78 1.87 6.82
N ALA A 137 -18.90 2.25 8.08
CA ALA A 137 -18.22 1.57 9.18
C ALA A 137 -16.74 1.33 8.85
N ILE A 138 -16.01 2.43 8.74
CA ILE A 138 -14.62 2.41 8.27
C ILE A 138 -13.71 1.52 9.11
N GLY A 139 -13.22 0.44 8.50
CA GLY A 139 -12.25 -0.44 9.13
C GLY A 139 -12.77 -1.30 10.27
N LYS A 140 -14.08 -1.47 10.36
CA LYS A 140 -14.66 -2.24 11.46
C LYS A 140 -14.85 -3.70 11.10
N ARG A 141 -15.82 -3.99 10.24
CA ARG A 141 -16.05 -5.36 9.79
C ARG A 141 -14.91 -5.80 8.88
N VAL A 142 -14.48 -4.89 8.01
CA VAL A 142 -13.45 -5.21 7.03
C VAL A 142 -12.40 -4.09 6.98
N GLY A 143 -11.19 -4.43 6.55
CA GLY A 143 -10.10 -3.46 6.53
C GLY A 143 -10.32 -2.30 5.59
N LEU A 144 -9.85 -1.12 5.99
CA LEU A 144 -9.94 0.05 5.13
C LEU A 144 -8.91 -0.08 4.01
N VAL A 145 -9.33 0.18 2.77
CA VAL A 145 -8.44 0.11 1.62
C VAL A 145 -8.30 1.50 1.00
N SER A 146 -7.13 1.81 0.47
CA SER A 146 -6.90 3.09 -0.21
C SER A 146 -7.92 3.34 -1.31
N GLY A 147 -8.34 2.28 -1.98
CA GLY A 147 -9.36 2.36 -3.02
C GLY A 147 -10.70 2.88 -2.52
N ASP A 148 -10.97 2.74 -1.23
CA ASP A 148 -12.23 3.19 -0.64
C ASP A 148 -12.37 4.71 -0.68
N ALA A 149 -11.25 5.42 -0.67
CA ALA A 149 -11.29 6.87 -0.53
C ALA A 149 -11.83 7.58 -1.78
N LYS A 150 -12.54 8.68 -1.56
CA LYS A 150 -12.98 9.53 -2.65
C LYS A 150 -11.85 10.50 -3.01
N PRO A 151 -11.48 10.55 -4.30
CA PRO A 151 -10.35 11.32 -4.81
C PRO A 151 -10.40 12.80 -4.42
N ALA A 152 -11.61 13.31 -4.17
CA ALA A 152 -11.79 14.69 -3.77
C ALA A 152 -11.20 14.96 -2.41
N LYS A 153 -11.17 13.95 -1.55
CA LYS A 153 -10.71 14.12 -0.18
C LYS A 153 -9.38 13.43 0.11
N HIS A 154 -9.06 12.42 -0.68
CA HIS A 154 -7.84 11.65 -0.43
C HIS A 154 -7.11 11.26 -1.70
N LYS A 155 -5.82 11.54 -1.74
CA LYS A 155 -4.95 11.17 -2.85
C LYS A 155 -3.61 10.69 -2.29
N TYR A 156 -3.34 9.40 -2.44
CA TYR A 156 -2.16 8.81 -1.83
C TYR A 156 -0.98 8.79 -2.80
N THR A 157 -0.06 9.73 -2.61
CA THR A 157 1.09 9.86 -3.49
C THR A 157 2.37 9.52 -2.73
N SER A 158 3.36 9.01 -3.45
CA SER A 158 4.65 8.70 -2.85
C SER A 158 5.76 9.55 -3.44
N GLN A 159 6.75 9.84 -2.60
CA GLN A 159 7.90 10.62 -3.01
C GLN A 159 9.15 9.94 -2.47
N PHE A 160 10.13 9.72 -3.33
CA PHE A 160 11.36 9.04 -2.90
C PHE A 160 12.62 9.73 -3.40
N GLU A 161 13.52 10.04 -2.47
CA GLU A 161 14.81 10.62 -2.81
C GLU A 161 15.87 9.54 -2.67
N VAL A 162 16.57 9.24 -3.76
CA VAL A 162 17.49 8.11 -3.81
C VAL A 162 18.91 8.53 -4.17
N ASP A 163 19.84 8.25 -3.27
CA ASP A 163 21.26 8.53 -3.49
C ASP A 163 22.02 7.23 -3.68
N PHE A 164 22.31 6.89 -4.94
CA PHE A 164 23.00 5.65 -5.25
C PHE A 164 24.48 5.70 -4.92
N ALA A 165 24.98 6.90 -4.65
CA ALA A 165 26.37 7.06 -4.26
C ALA A 165 26.54 6.66 -2.79
N THR A 166 25.64 7.15 -1.95
CA THR A 166 25.73 6.91 -0.51
C THR A 166 24.87 5.71 -0.10
N LYS A 167 24.25 5.07 -1.08
CA LYS A 167 23.40 3.90 -0.84
C LYS A 167 22.26 4.22 0.12
N LYS A 168 21.68 5.40 -0.02
CA LYS A 168 20.66 5.89 0.90
C LYS A 168 19.39 6.35 0.20
N MET A 169 18.25 5.99 0.78
CA MET A 169 16.96 6.43 0.27
C MET A 169 16.15 7.11 1.39
N THR A 170 15.58 8.27 1.08
CA THR A 170 14.61 8.88 1.97
C THR A 170 13.33 9.16 1.18
N GLY A 171 12.22 9.38 1.88
CA GLY A 171 10.98 9.65 1.18
C GLY A 171 9.79 9.97 2.05
N LYS A 172 8.65 10.17 1.41
CA LYS A 172 7.41 10.50 2.11
C LYS A 172 6.21 9.85 1.45
N LEU A 173 5.36 9.23 2.28
CA LEU A 173 4.08 8.72 1.82
C LEU A 173 3.01 9.72 2.24
N SER A 174 2.37 10.35 1.26
CA SER A 174 1.50 11.47 1.57
C SER A 174 0.04 11.19 1.23
N ASP A 175 -0.85 11.90 1.93
CA ASP A 175 -2.27 11.95 1.59
C ASP A 175 -2.61 13.37 1.18
N LYS A 176 -2.86 13.55 -0.12
CA LYS A 176 -3.03 14.86 -0.72
C LYS A 176 -1.86 15.76 -0.35
N GLU A 177 -2.06 16.59 0.66
CA GLU A 177 -1.01 17.51 1.12
C GLU A 177 -0.27 16.93 2.32
N LYS A 178 -0.99 16.21 3.17
CA LYS A 178 -0.46 15.75 4.45
C LYS A 178 0.56 14.62 4.32
N THR A 179 1.59 14.68 5.15
CA THR A 179 2.57 13.59 5.22
C THR A 179 2.09 12.52 6.20
N ILE A 180 1.95 11.30 5.72
CA ILE A 180 1.46 10.19 6.54
C ILE A 180 2.62 9.36 7.08
N TYR A 181 3.58 9.04 6.21
CA TYR A 181 4.79 8.32 6.61
C TYR A 181 6.03 8.95 5.98
N THR A 182 7.13 8.95 6.72
CA THR A 182 8.44 9.21 6.14
C THR A 182 9.18 7.88 6.04
N VAL A 183 9.91 7.67 4.95
CA VAL A 183 10.61 6.41 4.76
C VAL A 183 12.12 6.61 4.79
N ASN A 184 12.81 5.63 5.34
CA ASN A 184 14.26 5.55 5.31
C ASN A 184 14.67 4.13 4.94
N ALA A 185 15.62 4.00 4.03
CA ALA A 185 16.04 2.66 3.59
C ALA A 185 17.48 2.61 3.10
N ASP A 186 18.13 1.48 3.32
CA ASP A 186 19.46 1.24 2.76
C ASP A 186 19.35 0.54 1.43
N ILE A 187 20.13 0.99 0.46
CA ILE A 187 20.15 0.36 -0.86
C ILE A 187 21.22 -0.70 -0.94
N ARG A 188 20.80 -1.92 -1.25
CA ARG A 188 21.75 -3.03 -1.41
C ARG A 188 21.55 -3.65 -2.78
N GLY A 189 22.34 -3.19 -3.75
CA GLY A 189 22.21 -3.63 -5.12
C GLY A 189 20.99 -3.00 -5.75
N ASN A 190 20.14 -3.82 -6.35
CA ASN A 190 18.90 -3.35 -6.94
C ASN A 190 17.73 -3.47 -5.97
N ARG A 191 18.05 -3.77 -4.71
CA ARG A 191 17.05 -3.86 -3.65
C ARG A 191 17.20 -2.74 -2.64
N PHE A 192 16.15 -2.44 -1.89
CA PHE A 192 16.28 -1.56 -0.74
C PHE A 192 15.52 -2.13 0.45
N THR A 193 15.94 -1.74 1.64
CA THR A 193 15.36 -2.27 2.87
C THR A 193 15.46 -1.19 3.95
N GLY A 194 14.43 -1.07 4.77
CA GLY A 194 14.43 -0.02 5.77
C GLY A 194 13.17 0.10 6.58
N ALA A 195 12.77 1.33 6.88
CA ALA A 195 11.67 1.55 7.80
C ALA A 195 10.71 2.65 7.35
N ALA A 196 9.44 2.50 7.71
CA ALA A 196 8.46 3.56 7.51
C ALA A 196 8.13 4.16 8.87
N THR A 197 8.16 5.48 8.94
CA THR A 197 7.90 6.15 10.21
C THR A 197 6.60 6.93 10.16
N ALA A 198 5.66 6.55 11.02
CA ALA A 198 4.35 7.20 11.11
C ALA A 198 4.48 8.64 11.61
N SER A 199 3.96 9.58 10.81
CA SER A 199 4.02 10.99 11.16
C SER A 199 3.09 11.30 12.32
N ASP A 200 2.03 10.52 12.46
CA ASP A 200 1.10 10.65 13.58
C ASP A 200 1.03 9.31 14.33
N LYS A 201 1.42 9.35 15.59
CA LYS A 201 1.51 8.14 16.42
C LYS A 201 0.25 7.82 17.19
N ASN A 202 -0.69 8.77 17.25
CA ASN A 202 -1.91 8.57 18.00
C ASN A 202 -3.08 8.17 17.13
N LYS A 203 -3.80 7.13 17.54
CA LYS A 203 -4.97 6.66 16.80
C LYS A 203 -6.09 7.70 16.82
N GLY A 204 -6.23 8.37 17.95
CA GLY A 204 -7.37 9.24 18.16
C GLY A 204 -8.63 8.40 18.24
N LYS A 205 -9.78 9.01 18.00
CA LYS A 205 -11.05 8.31 18.12
C LYS A 205 -12.08 8.98 17.23
N GLY A 206 -13.14 8.24 16.90
CA GLY A 206 -14.25 8.79 16.15
C GLY A 206 -13.92 9.02 14.70
N GLU A 207 -14.36 10.16 14.16
CA GLU A 207 -14.18 10.47 12.76
C GLU A 207 -12.73 10.87 12.45
N SER A 208 -11.97 11.15 13.50
CA SER A 208 -10.57 11.51 13.33
C SER A 208 -9.65 10.34 13.66
N TYR A 209 -10.20 9.13 13.61
CA TYR A 209 -9.40 7.93 13.87
C TYR A 209 -8.25 7.83 12.88
N ASN A 210 -7.07 7.50 13.40
CA ASN A 210 -5.87 7.43 12.59
C ASN A 210 -5.44 5.99 12.34
N PHE A 211 -5.58 5.55 11.08
CA PHE A 211 -5.22 4.19 10.69
C PHE A 211 -3.72 3.99 10.49
N PHE A 212 -2.95 5.06 10.60
CA PHE A 212 -1.52 4.99 10.31
C PHE A 212 -0.65 5.40 11.49
N SER A 213 -0.91 4.84 12.66
CA SER A 213 -0.21 5.24 13.87
C SER A 213 1.03 4.40 14.12
N ALA A 214 1.08 3.22 13.52
CA ALA A 214 2.14 2.26 13.79
C ALA A 214 3.32 2.38 12.83
N ASP A 215 4.53 2.22 13.37
CA ASP A 215 5.74 2.19 12.58
C ASP A 215 5.89 0.86 11.83
N SER A 216 6.97 0.75 11.06
CA SER A 216 7.27 -0.48 10.35
C SER A 216 8.77 -0.62 10.11
N GLN A 217 9.34 -1.73 10.52
CA GLN A 217 10.76 -2.01 10.31
C GLN A 217 10.98 -2.91 9.11
N SER A 218 9.90 -3.19 8.38
CA SER A 218 9.95 -4.14 7.28
C SER A 218 9.70 -3.51 5.91
N LEU A 219 10.13 -2.27 5.72
CA LEU A 219 9.97 -1.62 4.43
C LEU A 219 11.04 -2.14 3.47
N GLU A 220 10.60 -2.73 2.36
CA GLU A 220 11.52 -3.25 1.36
C GLU A 220 10.86 -3.37 0.00
N GLY A 221 11.67 -3.20 -1.03
CA GLY A 221 11.24 -3.34 -2.40
C GLY A 221 12.46 -3.32 -3.27
N GLY A 222 12.28 -3.09 -4.56
CA GLY A 222 13.41 -3.06 -5.46
C GLY A 222 13.29 -2.03 -6.55
N PHE A 223 14.40 -1.80 -7.25
CA PHE A 223 14.41 -0.97 -8.44
C PHE A 223 14.25 -1.89 -9.65
N TYR A 224 13.43 -1.46 -10.61
CA TYR A 224 13.13 -2.30 -11.75
C TYR A 224 13.34 -1.56 -13.07
N GLY A 225 13.60 -2.31 -14.12
CA GLY A 225 14.01 -1.73 -15.39
C GLY A 225 15.52 -1.60 -15.38
N PRO A 226 16.16 -1.85 -16.53
CA PRO A 226 17.61 -1.88 -16.73
C PRO A 226 18.38 -0.82 -15.95
N LYS A 227 18.04 0.46 -16.17
CA LYS A 227 18.76 1.54 -15.51
C LYS A 227 18.01 2.06 -14.29
N ALA A 228 17.32 1.15 -13.61
CA ALA A 228 16.56 1.46 -12.40
C ALA A 228 15.56 2.59 -12.63
N GLU A 229 14.84 2.51 -13.74
CA GLU A 229 13.88 3.54 -14.13
C GLU A 229 12.71 3.64 -13.15
N GLU A 230 12.38 2.52 -12.51
CA GLU A 230 11.24 2.48 -11.63
C GLU A 230 11.54 1.72 -10.34
N MET A 231 10.68 1.90 -9.35
CA MET A 231 10.79 1.19 -8.08
C MET A 231 9.43 0.79 -7.56
N ALA A 232 9.41 -0.23 -6.73
CA ALA A 232 8.19 -0.64 -6.05
C ALA A 232 8.54 -1.39 -4.79
N GLY A 233 7.63 -1.40 -3.82
CA GLY A 233 7.89 -2.09 -2.58
C GLY A 233 6.67 -2.16 -1.68
N LYS A 234 6.91 -2.50 -0.43
CA LYS A 234 5.84 -2.73 0.52
C LYS A 234 6.36 -2.61 1.94
N PHE A 235 5.44 -2.47 2.90
CA PHE A 235 5.78 -2.64 4.29
C PHE A 235 4.57 -3.07 5.10
N VAL A 236 4.84 -3.72 6.22
CA VAL A 236 3.78 -4.10 7.14
C VAL A 236 4.05 -3.43 8.48
N ALA A 237 2.99 -2.86 9.06
CA ALA A 237 3.05 -2.32 10.41
C ALA A 237 3.61 -3.35 11.37
N ASN A 238 4.40 -2.90 12.35
CA ASN A 238 4.97 -3.81 13.34
C ASN A 238 3.90 -4.54 14.14
N ASP A 239 2.70 -3.98 14.18
CA ASP A 239 1.60 -4.59 14.91
C ASP A 239 0.55 -5.17 13.95
N LYS A 240 0.94 -5.35 12.69
CA LYS A 240 0.09 -5.95 11.66
C LYS A 240 -1.22 -5.19 11.44
N SER A 241 -1.23 -3.89 11.73
CA SER A 241 -2.44 -3.09 11.60
C SER A 241 -2.58 -2.50 10.20
N LEU A 242 -1.51 -2.56 9.43
CA LEU A 242 -1.53 -2.01 8.08
C LEU A 242 -0.53 -2.70 7.16
N PHE A 243 -0.92 -2.85 5.90
CA PHE A 243 -0.04 -3.33 4.85
C PHE A 243 -0.08 -2.31 3.73
N ALA A 244 1.08 -1.77 3.38
CA ALA A 244 1.12 -0.74 2.35
C ALA A 244 1.99 -1.17 1.20
N VAL A 245 1.64 -0.71 0.01
CA VAL A 245 2.46 -0.94 -1.17
C VAL A 245 2.65 0.37 -1.90
N PHE A 246 3.64 0.43 -2.77
CA PHE A 246 3.93 1.66 -3.49
C PHE A 246 4.74 1.38 -4.75
N SER A 247 4.70 2.33 -5.67
CA SER A 247 5.47 2.25 -6.91
C SER A 247 5.71 3.65 -7.40
N ALA A 248 6.86 3.88 -8.02
CA ALA A 248 7.20 5.22 -8.48
C ALA A 248 8.20 5.19 -9.63
N LYS A 249 8.16 6.25 -10.44
CA LYS A 249 9.06 6.41 -11.59
C LYS A 249 9.92 7.64 -11.33
N HIS A 250 11.14 7.64 -11.86
CA HIS A 250 12.05 8.75 -11.59
C HIS A 250 12.07 9.77 -12.72
N ASN A 251 12.02 11.04 -12.34
CA ASN A 251 12.38 12.20 -13.17
C ASN A 251 12.02 13.50 -12.46
#